data_3I0A
#
_entry.id   3I0A
#
_cell.length_a   114.253
_cell.length_b   114.253
_cell.length_c   117.950
_cell.angle_alpha   90.00
_cell.angle_beta   90.00
_cell.angle_gamma   90.00
#
_symmetry.space_group_name_H-M   'P 41 21 2'
#
loop_
_entity.id
_entity.type
_entity.pdbx_description
1 polymer 'Neutrophil gelatinase-associated lipocalin'
2 non-polymer 'SULFATE ION'
3 non-polymer 'FE (III) ION'
4 non-polymer O-[(2R)-2-amino-3-(D-seryloxy)propanoyl]-N-[(2,3-dihydroxyphenyl)carbonyl]-L-serine
5 non-polymer N-[(2,3-dihydroxyphenyl)carbonyl]-O-[(2R)-2-{[(2,3-dihydroxyphenyl)carbonyl]amino}-3-hydroxypropanoyl]-L-serine
6 non-polymer '2,3-DIHYDROXY-BENZOIC ACID'
7 non-polymer GLYCEROL
8 non-polymer N-[(2,3-dihydroxyphenyl)carbonyl]-O-[(2S)-2-{[(2,3-dihydroxyphenyl)carbonyl]amino}-3-({N-[(2,3-dihydroxyphenyl)carbonyl]-L-seryl}oxy)propanoyl]-D-serine
9 water water
#
_entity_poly.entity_id   1
_entity_poly.type   'polypeptide(L)'
_entity_poly.pdbx_seq_one_letter_code
;MPLGLLWLGLALLGALHAQAQDSTSDLIPAPPLSKVPLQQNFQDNQFQGKWYVVGLAGNAILREDKDPQKMYATIYELKE
DKSYNVTSVLFRKKKCDYWIRTFVPGSQPGEFTLGNIKSYPGLTSYLVRVVSTNYNQHAMVFFKKVSQNREYFAITLYGR
TKELTSELKENFIRFSKSLGLPENHIVFPVPIDQCIDG
;
_entity_poly.pdbx_strand_id   A,B,C
#
loop_
_chem_comp.id
_chem_comp.type
_chem_comp.name
_chem_comp.formula
2DS non-polymer N-[(2,3-dihydroxyphenyl)carbonyl]-O-[(2R)-2-{[(2,3-dihydroxyphenyl)carbonyl]amino}-3-hydroxypropanoyl]-L-serine 'C20 H20 N2 O11'
3ET non-polymer O-[(2R)-2-amino-3-(D-seryloxy)propanoyl]-N-[(2,3-dihydroxyphenyl)carbonyl]-L-serine 'C16 H21 N3 O10'
DBH non-polymer '2,3-DIHYDROXY-BENZOIC ACID' 'C7 H6 O4'
FE non-polymer 'FE (III) ION' 'Fe 3'
GOL non-polymer GLYCEROL 'C3 H8 O3'
MCJ non-polymer N-[(2,3-dihydroxyphenyl)carbonyl]-O-[(2S)-2-{[(2,3-dihydroxyphenyl)carbonyl]amino}-3-({N-[(2,3-dihydroxyphenyl)carbonyl]-L-seryl}oxy)propanoyl]-D-serine 'C30 H29 N3 O16'
SO4 non-polymer 'SULFATE ION' 'O4 S -2'
#
# COMPACT_ATOMS: atom_id res chain seq x y z
N SER A 25 2.01 33.38 -4.87
CA SER A 25 1.76 34.12 -3.59
C SER A 25 0.26 34.21 -3.28
N ASP A 26 -0.50 33.25 -3.78
CA ASP A 26 -1.90 33.06 -3.42
C ASP A 26 -2.01 31.67 -2.80
N LEU A 27 -2.44 31.62 -1.54
CA LEU A 27 -2.50 30.37 -0.80
C LEU A 27 -3.95 29.94 -0.58
N ILE A 28 -4.20 28.64 -0.71
CA ILE A 28 -5.47 28.06 -0.33
C ILE A 28 -5.57 28.20 1.19
N PRO A 29 -6.72 28.64 1.70
CA PRO A 29 -6.79 28.95 3.13
C PRO A 29 -6.65 27.72 4.01
N ALA A 30 -5.98 27.88 5.14
CA ALA A 30 -5.87 26.79 6.11
C ALA A 30 -7.27 26.40 6.56
N PRO A 31 -7.52 25.10 6.74
CA PRO A 31 -8.83 24.67 7.22
C PRO A 31 -9.00 24.95 8.71
N PRO A 32 -10.24 25.02 9.18
CA PRO A 32 -10.44 25.11 10.61
C PRO A 32 -10.04 23.81 11.29
N LEU A 33 -9.43 23.92 12.47
CA LEU A 33 -8.93 22.75 13.21
C LEU A 33 -9.99 21.67 13.44
N SER A 34 -11.27 22.05 13.42
CA SER A 34 -12.38 21.11 13.51
C SER A 34 -12.35 20.04 12.40
N LYS A 35 -11.92 20.43 11.20
CA LYS A 35 -11.85 19.51 10.06
C LYS A 35 -10.61 18.59 10.08
N VAL A 36 -9.74 18.76 11.08
CA VAL A 36 -8.57 17.92 11.26
C VAL A 36 -8.73 17.07 12.52
N PRO A 37 -9.02 15.77 12.34
CA PRO A 37 -9.15 14.90 13.51
C PRO A 37 -7.85 14.74 14.29
N LEU A 38 -7.97 14.33 15.55
CA LEU A 38 -6.80 14.01 16.38
C LEU A 38 -6.77 12.51 16.65
N GLN A 39 -5.60 11.90 16.45
CA GLN A 39 -5.39 10.50 16.78
C GLN A 39 -5.64 10.27 18.27
N GLN A 40 -6.60 9.40 18.57
CA GLN A 40 -7.00 9.14 19.96
C GLN A 40 -6.00 8.25 20.67
N ASN A 41 -5.83 8.51 21.97
CA ASN A 41 -4.96 7.71 22.84
C ASN A 41 -3.53 7.70 22.33
N PHE A 42 -3.03 8.89 21.99
CA PHE A 42 -1.70 9.02 21.39
C PHE A 42 -0.61 8.49 22.32
N GLN A 43 0.20 7.58 21.78
CA GLN A 43 1.33 7.02 22.50
C GLN A 43 2.62 7.62 21.96
N ASP A 44 3.23 8.52 22.73
CA ASP A 44 4.42 9.22 22.29
C ASP A 44 5.65 8.30 22.14
N ASN A 45 5.80 7.34 23.06
CA ASN A 45 6.91 6.38 22.99
C ASN A 45 6.87 5.54 21.70
N GLN A 46 5.67 5.11 21.31
CA GLN A 46 5.50 4.27 20.11
C GLN A 46 5.65 5.04 18.79
N PHE A 47 5.51 6.36 18.84
CA PHE A 47 5.65 7.20 17.65
C PHE A 47 7.13 7.50 17.33
N GLN A 48 8.01 7.24 18.28
CA GLN A 48 9.46 7.45 18.09
C GLN A 48 10.00 6.70 16.88
N GLY A 49 11.12 7.18 16.35
CA GLY A 49 11.84 6.51 15.27
C GLY A 49 11.65 7.12 13.89
N LYS A 50 12.22 6.45 12.90
CA LYS A 50 12.24 6.93 11.52
C LYS A 50 10.87 6.73 10.84
N TRP A 51 10.43 7.76 10.14
CA TRP A 51 9.27 7.68 9.25
C TRP A 51 9.67 8.18 7.87
N TYR A 52 9.23 7.48 6.83
CA TYR A 52 9.42 7.92 5.46
C TYR A 52 8.22 8.74 5.00
N VAL A 53 8.49 9.86 4.35
CA VAL A 53 7.43 10.68 3.77
C VAL A 53 7.02 10.09 2.42
N VAL A 54 6.02 9.21 2.45
CA VAL A 54 5.50 8.58 1.24
C VAL A 54 4.47 9.46 0.51
N GLY A 55 3.86 10.38 1.25
CA GLY A 55 2.93 11.36 0.65
C GLY A 55 3.10 12.75 1.26
N LEU A 56 2.96 13.78 0.43
CA LEU A 56 3.09 15.17 0.90
C LEU A 56 2.09 16.07 0.19
N ALA A 57 1.30 16.80 0.99
CA ALA A 57 0.30 17.74 0.48
C ALA A 57 0.28 19.04 1.27
N GLY A 58 -0.11 20.13 0.62
CA GLY A 58 -0.17 21.44 1.28
C GLY A 58 -0.43 22.58 0.31
N ASN A 59 -0.82 23.72 0.86
CA ASN A 59 -1.18 24.89 0.04
C ASN A 59 0.03 25.54 -0.64
N ALA A 60 1.23 25.23 -0.15
CA ALA A 60 2.48 25.69 -0.74
C ALA A 60 3.21 24.58 -1.51
N ILE A 61 2.62 23.38 -1.55
CA ILE A 61 3.22 22.25 -2.26
C ILE A 61 2.61 22.12 -3.66
N LEU A 62 3.46 22.00 -4.68
CA LEU A 62 3.02 21.86 -6.06
C LEU A 62 3.73 20.68 -6.74
N ARG A 63 2.97 19.90 -7.51
CA ARG A 63 3.54 18.79 -8.29
C ARG A 63 4.45 19.35 -9.38
N GLU A 64 5.65 18.81 -9.49
CA GLU A 64 6.63 19.24 -10.48
C GLU A 64 7.19 18.04 -11.24
N ASP A 65 6.56 17.72 -12.37
CA ASP A 65 6.92 16.54 -13.17
C ASP A 65 8.26 16.69 -13.90
N LYS A 66 8.76 17.91 -14.03
CA LYS A 66 10.10 18.16 -14.58
C LYS A 66 11.18 17.67 -13.61
N ASP A 67 11.07 18.14 -12.36
CA ASP A 67 11.98 17.73 -11.28
C ASP A 67 11.15 17.20 -10.09
N PRO A 68 10.77 15.92 -10.13
CA PRO A 68 9.88 15.35 -9.09
C PRO A 68 10.48 15.35 -7.69
N GLN A 69 9.62 15.58 -6.70
CA GLN A 69 10.00 15.57 -5.29
C GLN A 69 10.57 14.22 -4.88
N LYS A 70 11.81 14.23 -4.36
CA LYS A 70 12.43 13.03 -3.84
C LYS A 70 11.95 12.75 -2.42
N MET A 71 11.82 11.46 -2.09
CA MET A 71 11.42 11.04 -0.76
C MET A 71 12.49 11.44 0.27
N TYR A 72 12.03 11.80 1.46
CA TYR A 72 12.92 12.09 2.57
C TYR A 72 12.41 11.39 3.83
N ALA A 73 13.19 11.44 4.89
CA ALA A 73 12.86 10.76 6.13
C ALA A 73 12.84 11.75 7.29
N THR A 74 11.96 11.49 8.26
CA THR A 74 11.86 12.30 9.47
C THR A 74 11.89 11.39 10.69
N ILE A 75 12.84 11.66 11.57
CA ILE A 75 13.11 10.80 12.72
C ILE A 75 12.71 11.51 14.01
N TYR A 76 11.82 10.85 14.76
CA TYR A 76 11.28 11.38 16.02
C TYR A 76 11.93 10.72 17.23
N GLU A 77 12.52 11.53 18.12
CA GLU A 77 13.14 11.02 19.34
C GLU A 77 12.62 11.75 20.58
N LEU A 78 11.95 11.00 21.46
CA LEU A 78 11.51 11.54 22.75
C LEU A 78 12.71 11.89 23.61
N LYS A 79 12.73 13.11 24.13
CA LYS A 79 13.70 13.51 25.15
C LYS A 79 13.12 13.20 26.52
N GLU A 80 13.94 13.36 27.56
CA GLU A 80 13.51 13.09 28.94
C GLU A 80 12.24 13.87 29.31
N ASP A 81 12.18 15.13 28.87
CA ASP A 81 11.04 16.02 29.16
C ASP A 81 9.80 15.76 28.29
N LYS A 82 9.83 14.66 27.52
CA LYS A 82 8.70 14.21 26.70
C LYS A 82 8.41 15.07 25.47
N SER A 83 9.33 15.97 25.14
CA SER A 83 9.26 16.71 23.89
C SER A 83 10.09 15.97 22.85
N TYR A 84 9.75 16.17 21.58
CA TYR A 84 10.39 15.44 20.49
C TYR A 84 11.56 16.18 19.89
N ASN A 85 12.64 15.46 19.64
CA ASN A 85 13.70 15.93 18.78
C ASN A 85 13.39 15.42 17.38
N VAL A 86 13.14 16.33 16.45
CA VAL A 86 12.67 15.96 15.12
C VAL A 86 13.70 16.33 14.06
N THR A 87 14.26 15.31 13.42
CA THR A 87 15.30 15.49 12.41
C THR A 87 14.81 14.97 11.05
N SER A 88 14.78 15.85 10.05
CA SER A 88 14.48 15.43 8.69
C SER A 88 15.78 15.31 7.91
N VAL A 89 16.00 14.15 7.29
CA VAL A 89 17.17 13.93 6.44
C VAL A 89 16.70 13.90 4.98
N LEU A 90 17.28 14.77 4.17
CA LEU A 90 16.88 14.93 2.77
C LEU A 90 18.09 14.85 1.84
N PHE A 91 17.88 14.30 0.65
CA PHE A 91 18.93 14.22 -0.37
C PHE A 91 18.79 15.38 -1.35
N ARG A 92 19.67 16.36 -1.20
CA ARG A 92 19.63 17.58 -2.02
C ARG A 92 21.02 17.99 -2.48
N LYS A 93 21.14 18.32 -3.76
CA LYS A 93 22.39 18.77 -4.36
C LYS A 93 23.54 17.79 -4.05
N LYS A 94 23.23 16.51 -4.16
CA LYS A 94 24.20 15.40 -3.98
C LYS A 94 24.75 15.19 -2.55
N LYS A 95 24.20 15.89 -1.56
CA LYS A 95 24.53 15.68 -0.15
C LYS A 95 23.26 15.47 0.66
N CYS A 96 23.41 15.17 1.96
CA CYS A 96 22.25 15.06 2.86
C CYS A 96 22.17 16.27 3.79
N ASP A 97 21.09 17.04 3.68
CA ASP A 97 20.83 18.16 4.59
CA ASP A 97 20.83 18.16 4.60
C ASP A 97 20.03 17.65 5.79
N TYR A 98 20.29 18.21 6.97
CA TYR A 98 19.61 17.77 8.19
C TYR A 98 18.82 18.92 8.82
N TRP A 99 17.50 18.88 8.62
CA TRP A 99 16.58 19.88 9.16
C TRP A 99 16.15 19.50 10.58
N ILE A 100 16.63 20.25 11.56
CA ILE A 100 16.39 19.93 12.98
C ILE A 100 15.46 20.92 13.65
N ARG A 101 14.49 20.39 14.40
CA ARG A 101 13.62 21.21 15.24
C ARG A 101 12.99 20.38 16.36
N THR A 102 12.42 21.07 17.33
CA THR A 102 11.81 20.45 18.51
C THR A 102 10.30 20.62 18.51
N PHE A 103 9.58 19.51 18.67
CA PHE A 103 8.14 19.56 18.85
C PHE A 103 7.81 19.42 20.33
N VAL A 104 7.23 20.47 20.91
CA VAL A 104 6.85 20.53 22.31
C VAL A 104 5.38 20.11 22.48
N PRO A 105 5.08 19.22 23.46
CA PRO A 105 3.72 18.70 23.64
C PRO A 105 2.66 19.79 23.80
N GLY A 106 1.60 19.70 23.01
CA GLY A 106 0.58 20.74 22.93
C GLY A 106 -0.53 20.60 23.96
N SER A 107 -1.70 21.13 23.61
CA SER A 107 -2.85 21.17 24.51
C SER A 107 -3.38 19.78 24.86
N GLN A 108 -3.31 18.87 23.90
CA GLN A 108 -3.75 17.48 24.08
C GLN A 108 -2.77 16.51 23.42
N PRO A 109 -2.77 15.23 23.86
CA PRO A 109 -1.79 14.28 23.35
C PRO A 109 -1.91 14.09 21.83
N GLY A 110 -0.76 14.03 21.16
CA GLY A 110 -0.72 13.94 19.70
C GLY A 110 -0.78 15.30 19.03
N GLU A 111 -0.66 16.36 19.82
CA GLU A 111 -0.67 17.73 19.33
C GLU A 111 0.56 18.44 19.87
N PHE A 112 1.22 19.22 19.02
CA PHE A 112 2.50 19.84 19.39
C PHE A 112 2.63 21.26 18.88
N THR A 113 3.60 21.96 19.46
CA THR A 113 4.02 23.27 18.97
C THR A 113 5.53 23.27 18.81
N LEU A 114 6.06 24.29 18.13
CA LEU A 114 7.47 24.36 17.79
C LEU A 114 8.27 25.02 18.91
N GLY A 115 9.27 24.31 19.42
CA GLY A 115 10.17 24.84 20.45
C GLY A 115 11.12 25.88 19.87
N ASN A 116 11.44 26.89 20.68
CA ASN A 116 12.35 27.98 20.28
C ASN A 116 11.93 28.65 18.97
N ILE A 117 10.67 29.07 18.92
CA ILE A 117 10.08 29.67 17.72
C ILE A 117 10.79 30.96 17.28
N LYS A 118 11.35 31.69 18.24
CA LYS A 118 12.06 32.95 17.98
C LYS A 118 13.31 32.78 17.10
N SER A 119 13.91 31.61 17.13
CA SER A 119 15.11 31.33 16.34
C SER A 119 14.82 31.09 14.86
N TYR A 120 13.53 31.07 14.50
CA TYR A 120 13.12 30.97 13.11
C TYR A 120 12.54 32.32 12.67
N PRO A 121 13.31 33.11 11.90
CA PRO A 121 12.87 34.46 11.50
C PRO A 121 11.57 34.45 10.71
N GLY A 122 10.58 35.21 11.19
CA GLY A 122 9.29 35.34 10.52
C GLY A 122 8.17 34.51 11.13
N LEU A 123 8.53 33.46 11.86
CA LEU A 123 7.53 32.54 12.41
C LEU A 123 6.84 33.12 13.64
N THR A 124 5.52 33.17 13.58
CA THR A 124 4.69 33.65 14.69
C THR A 124 3.86 32.53 15.33
N SER A 125 3.66 31.42 14.59
CA SER A 125 2.91 30.28 15.09
CA SER A 125 2.95 30.27 15.12
C SER A 125 3.27 28.99 14.33
N TYR A 126 3.17 27.86 15.01
CA TYR A 126 3.43 26.55 14.41
C TYR A 126 2.69 25.46 15.17
N LEU A 127 1.89 24.67 14.44
CA LEU A 127 1.05 23.64 15.04
C LEU A 127 1.27 22.29 14.36
N VAL A 128 1.31 21.23 15.17
CA VAL A 128 1.38 19.88 14.67
C VAL A 128 0.27 19.05 15.31
N ARG A 129 -0.51 18.37 14.47
CA ARG A 129 -1.58 17.49 14.94
C ARG A 129 -1.50 16.13 14.24
N VAL A 130 -1.17 15.10 15.01
CA VAL A 130 -1.15 13.73 14.51
C VAL A 130 -2.58 13.28 14.30
N VAL A 131 -2.99 13.16 13.04
CA VAL A 131 -4.37 12.83 12.69
C VAL A 131 -4.69 11.37 12.93
N SER A 132 -3.85 10.48 12.40
CA SER A 132 -4.00 9.04 12.62
C SER A 132 -2.69 8.29 12.44
N THR A 133 -2.51 7.23 13.23
CA THR A 133 -1.38 6.33 13.08
C THR A 133 -1.66 5.00 13.74
N ASN A 134 -1.07 3.93 13.18
CA ASN A 134 -1.03 2.63 13.84
C ASN A 134 0.36 2.32 14.39
N TYR A 135 1.24 3.31 14.30
CA TYR A 135 2.55 3.29 14.97
C TYR A 135 3.59 2.40 14.31
N ASN A 136 3.19 1.34 13.63
CA ASN A 136 4.17 0.43 13.02
C ASN A 136 4.15 0.33 11.50
N GLN A 137 3.19 0.99 10.86
CA GLN A 137 3.20 1.03 9.41
C GLN A 137 3.03 2.44 8.89
N HIS A 138 2.06 3.17 9.43
CA HIS A 138 1.66 4.40 8.79
C HIS A 138 1.18 5.49 9.74
N ALA A 139 1.10 6.70 9.19
CA ALA A 139 0.67 7.86 9.95
C ALA A 139 0.33 9.03 9.06
N MET A 140 -0.66 9.80 9.47
CA MET A 140 -1.02 11.06 8.84
C MET A 140 -0.87 12.16 9.87
N VAL A 141 -0.11 13.19 9.51
CA VAL A 141 0.18 14.30 10.41
C VAL A 141 -0.12 15.62 9.73
N PHE A 142 -0.83 16.49 10.44
CA PHE A 142 -1.22 17.81 9.96
C PHE A 142 -0.29 18.87 10.53
N PHE A 143 0.19 19.76 9.66
CA PHE A 143 1.04 20.86 10.05
C PHE A 143 0.41 22.20 9.66
N LYS A 144 0.52 23.19 10.54
CA LYS A 144 0.11 24.56 10.23
C LYS A 144 1.13 25.55 10.76
N LYS A 145 1.62 26.42 9.89
CA LYS A 145 2.54 27.48 10.33
C LYS A 145 2.15 28.84 9.78
N VAL A 146 2.34 29.87 10.59
CA VAL A 146 2.19 31.25 10.15
C VAL A 146 3.59 31.85 10.08
N SER A 147 4.05 32.08 8.86
CA SER A 147 5.39 32.58 8.60
C SER A 147 5.31 33.79 7.68
N GLN A 148 5.98 34.88 8.08
CA GLN A 148 5.85 36.18 7.41
C GLN A 148 4.38 36.54 7.19
N ASN A 149 3.55 36.29 8.21
CA ASN A 149 2.11 36.58 8.19
C ASN A 149 1.27 35.74 7.21
N ARG A 150 1.91 34.80 6.51
CA ARG A 150 1.22 33.92 5.57
C ARG A 150 0.91 32.59 6.27
N GLU A 151 -0.33 32.12 6.14
CA GLU A 151 -0.76 30.90 6.81
C GLU A 151 -0.59 29.67 5.92
N TYR A 152 0.49 28.92 6.15
CA TYR A 152 0.75 27.68 5.41
C TYR A 152 0.21 26.47 6.18
N PHE A 153 -0.20 25.45 5.45
CA PHE A 153 -0.56 24.17 6.06
C PHE A 153 -0.16 23.00 5.16
N ALA A 154 -0.05 21.84 5.79
CA ALA A 154 0.42 20.64 5.09
C ALA A 154 0.00 19.37 5.80
N ILE A 155 -0.09 18.30 5.03
CA ILE A 155 -0.33 16.96 5.55
C ILE A 155 0.74 16.04 4.99
N THR A 156 1.32 15.20 5.84
CA THR A 156 2.28 14.18 5.37
C THR A 156 1.72 12.80 5.62
N LEU A 157 1.82 11.92 4.63
CA LEU A 157 1.55 10.51 4.83
C LEU A 157 2.88 9.85 5.17
N TYR A 158 3.04 9.52 6.46
CA TYR A 158 4.26 8.86 6.91
C TYR A 158 4.13 7.34 6.75
N GLY A 159 5.22 6.70 6.33
CA GLY A 159 5.31 5.25 6.28
C GLY A 159 6.57 4.75 6.98
N ARG A 160 6.47 3.62 7.67
CA ARG A 160 7.64 2.99 8.29
C ARG A 160 8.54 2.39 7.22
N THR A 161 7.92 1.96 6.12
CA THR A 161 8.64 1.59 4.91
C THR A 161 8.40 2.65 3.84
N LYS A 162 9.15 2.57 2.75
CA LYS A 162 9.07 3.53 1.66
C LYS A 162 7.81 3.36 0.82
N GLU A 163 7.16 2.21 0.93
CA GLU A 163 5.94 1.93 0.17
C GLU A 163 4.76 1.64 1.09
N LEU A 164 3.59 2.11 0.69
CA LEU A 164 2.34 1.81 1.39
C LEU A 164 1.28 1.40 0.39
N THR A 165 0.21 0.78 0.87
CA THR A 165 -0.87 0.30 0.01
C THR A 165 -1.55 1.47 -0.68
N SER A 166 -2.09 1.22 -1.87
CA SER A 166 -2.80 2.24 -2.63
C SER A 166 -4.04 2.74 -1.86
N GLU A 167 -4.59 1.87 -1.02
CA GLU A 167 -5.71 2.23 -0.14
C GLU A 167 -5.33 3.39 0.79
N LEU A 168 -4.22 3.24 1.50
CA LEU A 168 -3.75 4.26 2.44
C LEU A 168 -3.41 5.57 1.73
N LYS A 169 -2.82 5.45 0.54
CA LYS A 169 -2.53 6.62 -0.29
C LYS A 169 -3.80 7.32 -0.74
N GLU A 170 -4.79 6.56 -1.19
CA GLU A 170 -6.08 7.11 -1.60
C GLU A 170 -6.81 7.78 -0.42
N ASN A 171 -6.72 7.18 0.76
CA ASN A 171 -7.26 7.79 1.98
C ASN A 171 -6.60 9.14 2.28
N PHE A 172 -5.28 9.19 2.10
CA PHE A 172 -4.51 10.42 2.28
C PHE A 172 -4.97 11.49 1.29
N ILE A 173 -5.16 11.09 0.03
CA ILE A 173 -5.68 11.97 -1.00
C ILE A 173 -7.06 12.51 -0.64
N ARG A 174 -7.94 11.63 -0.17
CA ARG A 174 -9.30 12.04 0.24
C ARG A 174 -9.27 13.01 1.42
N PHE A 175 -8.34 12.80 2.35
CA PHE A 175 -8.21 13.69 3.52
C PHE A 175 -7.68 15.07 3.11
N SER A 176 -6.68 15.07 2.23
CA SER A 176 -6.12 16.32 1.72
C SER A 176 -7.18 17.13 0.97
N LYS A 177 -8.00 16.44 0.18
CA LYS A 177 -9.07 17.11 -0.57
C LYS A 177 -10.17 17.63 0.35
N SER A 178 -10.42 16.93 1.46
CA SER A 178 -11.40 17.38 2.44
C SER A 178 -10.98 18.68 3.12
N LEU A 179 -9.68 19.00 3.05
CA LEU A 179 -9.14 20.24 3.61
C LEU A 179 -8.94 21.34 2.55
N GLY A 180 -9.46 21.12 1.35
CA GLY A 180 -9.46 22.15 0.30
C GLY A 180 -8.37 22.04 -0.76
N LEU A 181 -7.48 21.06 -0.60
CA LEU A 181 -6.34 20.92 -1.53
C LEU A 181 -6.71 20.12 -2.77
N PRO A 182 -6.52 20.72 -3.97
CA PRO A 182 -6.67 19.94 -5.20
C PRO A 182 -5.48 19.00 -5.39
N GLU A 183 -5.62 18.04 -6.29
CA GLU A 183 -4.63 16.95 -6.38
C GLU A 183 -3.28 17.36 -6.98
N ASN A 184 -3.24 18.49 -7.68
CA ASN A 184 -1.95 19.06 -8.11
C ASN A 184 -1.16 19.64 -6.92
N HIS A 185 -1.80 19.77 -5.76
CA HIS A 185 -1.12 20.07 -4.50
C HIS A 185 -0.89 18.82 -3.64
N ILE A 186 -0.94 17.64 -4.25
CA ILE A 186 -0.71 16.39 -3.53
C ILE A 186 0.34 15.57 -4.26
N VAL A 187 1.51 15.41 -3.64
CA VAL A 187 2.61 14.66 -4.25
C VAL A 187 2.94 13.37 -3.49
N PHE A 188 3.41 12.38 -4.24
CA PHE A 188 3.94 11.16 -3.65
C PHE A 188 5.41 11.09 -4.00
N PRO A 189 6.28 11.51 -3.08
CA PRO A 189 7.72 11.52 -3.32
C PRO A 189 8.26 10.17 -3.81
N VAL A 190 9.25 10.24 -4.70
CA VAL A 190 9.84 9.04 -5.31
C VAL A 190 10.85 8.41 -4.35
N PRO A 191 10.71 7.09 -4.08
CA PRO A 191 11.65 6.38 -3.21
C PRO A 191 13.11 6.51 -3.65
N ILE A 192 13.99 6.81 -2.70
CA ILE A 192 15.43 6.84 -2.94
C ILE A 192 16.16 6.03 -1.86
N ASP A 193 17.44 5.79 -2.09
CA ASP A 193 18.29 5.04 -1.14
C ASP A 193 19.32 5.91 -0.44
N GLN A 194 19.71 7.02 -1.08
CA GLN A 194 20.66 7.96 -0.50
C GLN A 194 20.10 8.61 0.76
N CYS A 195 20.91 8.64 1.81
CA CYS A 195 20.63 9.39 3.05
C CYS A 195 19.54 8.82 3.95
N ILE A 196 18.38 8.49 3.37
CA ILE A 196 17.19 8.12 4.14
C ILE A 196 17.21 6.69 4.68
N ASP A 197 18.14 5.87 4.21
CA ASP A 197 18.38 4.55 4.79
C ASP A 197 19.30 4.69 6.00
N GLY A 198 19.50 3.59 6.71
CA GLY A 198 20.39 3.58 7.87
C GLY A 198 19.86 4.36 9.07
N ASP B 26 -5.61 20.05 -30.46
CA ASP B 26 -4.56 19.47 -29.57
C ASP B 26 -5.17 18.40 -28.66
N LEU B 27 -5.11 17.15 -29.10
CA LEU B 27 -5.72 16.02 -28.39
C LEU B 27 -4.67 15.11 -27.77
N ILE B 28 -4.96 14.62 -26.57
CA ILE B 28 -4.08 13.69 -25.85
C ILE B 28 -4.02 12.35 -26.58
N PRO B 29 -2.81 11.76 -26.74
CA PRO B 29 -2.69 10.58 -27.60
C PRO B 29 -3.53 9.41 -27.14
N ALA B 30 -4.11 8.69 -28.10
CA ALA B 30 -4.83 7.45 -27.81
C ALA B 30 -3.81 6.39 -27.40
N PRO B 31 -3.99 5.79 -26.23
CA PRO B 31 -2.96 4.88 -25.71
C PRO B 31 -2.87 3.59 -26.52
N PRO B 32 -1.70 2.93 -26.49
CA PRO B 32 -1.56 1.64 -27.17
C PRO B 32 -2.60 0.63 -26.70
N LEU B 33 -3.11 -0.17 -27.64
CA LEU B 33 -4.12 -1.18 -27.32
C LEU B 33 -3.62 -2.23 -26.33
N SER B 34 -2.30 -2.48 -26.35
CA SER B 34 -1.66 -3.38 -25.39
C SER B 34 -1.73 -2.84 -23.96
N LYS B 35 -1.70 -1.51 -23.82
CA LYS B 35 -1.82 -0.85 -22.51
C LYS B 35 -3.21 -1.04 -21.89
N VAL B 36 -4.22 -1.23 -22.73
CA VAL B 36 -5.59 -1.50 -22.29
C VAL B 36 -5.83 -3.00 -22.16
N PRO B 37 -6.21 -3.48 -20.97
CA PRO B 37 -6.45 -4.91 -20.79
C PRO B 37 -7.85 -5.33 -21.23
N LEU B 38 -7.99 -6.63 -21.52
CA LEU B 38 -9.27 -7.19 -21.92
C LEU B 38 -9.76 -8.19 -20.89
N GLN B 39 -11.07 -8.15 -20.66
CA GLN B 39 -11.71 -9.05 -19.74
C GLN B 39 -11.53 -10.43 -20.27
N GLN B 40 -11.15 -11.25 -19.33
CA GLN B 40 -11.06 -12.64 -19.58
C GLN B 40 -12.42 -13.26 -19.63
N ASN B 41 -12.61 -14.10 -20.66
CA ASN B 41 -13.74 -15.02 -20.69
C ASN B 41 -15.04 -14.29 -20.55
N PHE B 42 -15.19 -13.34 -21.43
CA PHE B 42 -16.30 -12.49 -21.38
C PHE B 42 -17.55 -13.31 -21.56
N GLN B 43 -18.70 -12.71 -21.28
CA GLN B 43 -19.96 -13.38 -21.47
C GLN B 43 -21.00 -12.35 -21.86
N ASP B 44 -21.29 -12.25 -23.15
CA ASP B 44 -22.25 -11.25 -23.64
C ASP B 44 -23.59 -11.41 -22.94
N ASN B 45 -24.03 -12.66 -22.82
CA ASN B 45 -25.27 -13.01 -22.13
C ASN B 45 -25.40 -12.46 -20.69
N GLN B 46 -24.27 -12.13 -20.07
CA GLN B 46 -24.25 -11.56 -18.72
C GLN B 46 -24.23 -10.03 -18.77
N PHE B 47 -23.76 -9.47 -19.87
CA PHE B 47 -23.54 -8.05 -19.98
C PHE B 47 -24.77 -7.25 -20.41
N GLN B 48 -25.70 -7.89 -21.12
CA GLN B 48 -26.88 -7.21 -21.68
C GLN B 48 -27.68 -6.43 -20.65
N GLY B 49 -28.20 -5.28 -21.08
CA GLY B 49 -29.19 -4.54 -20.31
C GLY B 49 -28.76 -3.12 -20.04
N LYS B 50 -29.43 -2.49 -19.09
CA LYS B 50 -29.20 -1.08 -18.79
C LYS B 50 -28.01 -0.88 -17.86
N TRP B 51 -27.11 -0.01 -18.26
CA TRP B 51 -25.99 0.43 -17.43
C TRP B 51 -26.10 1.93 -17.17
N TYR B 52 -25.86 2.32 -15.92
CA TYR B 52 -25.86 3.73 -15.53
C TYR B 52 -24.45 4.29 -15.65
N VAL B 53 -24.34 5.49 -16.20
CA VAL B 53 -23.04 6.15 -16.40
C VAL B 53 -22.51 6.73 -15.10
N VAL B 54 -21.96 5.86 -14.26
CA VAL B 54 -21.39 6.26 -12.98
C VAL B 54 -20.03 6.95 -13.15
N GLY B 55 -19.27 6.50 -14.13
CA GLY B 55 -17.96 7.09 -14.45
C GLY B 55 -17.86 7.54 -15.90
N LEU B 56 -17.00 8.52 -16.15
CA LEU B 56 -16.79 9.06 -17.49
C LEU B 56 -15.44 9.79 -17.57
N ALA B 57 -14.70 9.53 -18.65
CA ALA B 57 -13.39 10.15 -18.84
C ALA B 57 -13.00 10.14 -20.31
N GLY B 58 -12.11 11.06 -20.69
CA GLY B 58 -11.59 11.14 -22.07
C GLY B 58 -10.99 12.49 -22.43
N ASN B 59 -10.26 12.51 -23.54
CA ASN B 59 -9.60 13.73 -24.03
C ASN B 59 -10.55 14.82 -24.51
N ALA B 60 -11.77 14.44 -24.90
CA ALA B 60 -12.78 15.38 -25.37
C ALA B 60 -13.61 15.97 -24.23
N ILE B 61 -13.87 15.16 -23.21
CA ILE B 61 -14.68 15.60 -22.06
C ILE B 61 -13.85 16.38 -21.05
N LEU B 62 -14.43 17.46 -20.52
CA LEU B 62 -13.80 18.30 -19.50
C LEU B 62 -14.61 18.29 -18.21
N ARG B 63 -14.10 18.98 -17.19
CA ARG B 63 -14.78 19.06 -15.89
C ARG B 63 -16.03 19.92 -15.95
N LYS B 70 -25.03 15.92 -15.83
CA LYS B 70 -26.24 15.15 -15.62
C LYS B 70 -26.07 13.71 -16.10
N MET B 71 -26.36 12.75 -15.22
CA MET B 71 -26.14 11.34 -15.50
C MET B 71 -27.09 10.81 -16.57
N TYR B 72 -26.61 9.84 -17.34
CA TYR B 72 -27.42 9.18 -18.37
C TYR B 72 -27.20 7.68 -18.34
N ALA B 73 -28.06 6.96 -19.06
CA ALA B 73 -28.01 5.50 -19.11
C ALA B 73 -27.78 5.00 -20.53
N THR B 74 -27.32 3.76 -20.64
CA THR B 74 -27.06 3.12 -21.93
C THR B 74 -27.58 1.68 -21.92
N ILE B 75 -28.63 1.44 -22.70
CA ILE B 75 -29.28 0.13 -22.75
C ILE B 75 -28.60 -0.76 -23.78
N TYR B 76 -27.89 -1.78 -23.30
CA TYR B 76 -27.25 -2.77 -24.15
C TYR B 76 -28.18 -3.98 -24.35
N GLU B 77 -29.13 -3.83 -25.27
CA GLU B 77 -30.08 -4.90 -25.57
C GLU B 77 -29.45 -5.92 -26.51
N LEU B 78 -29.45 -7.18 -26.09
CA LEU B 78 -28.90 -8.27 -26.91
C LEU B 78 -29.82 -8.60 -28.07
N LYS B 79 -29.31 -8.42 -29.30
CA LYS B 79 -30.06 -8.77 -30.51
C LYS B 79 -29.96 -10.27 -30.79
N ASP B 81 -29.80 -11.92 -33.69
CA ASP B 81 -28.36 -12.16 -33.77
C ASP B 81 -27.79 -12.47 -32.37
N LYS B 82 -26.50 -12.16 -32.18
CA LYS B 82 -25.89 -12.14 -30.86
C LYS B 82 -25.13 -10.81 -30.65
N SER B 83 -25.65 -9.75 -31.27
CA SER B 83 -25.02 -8.44 -31.25
C SER B 83 -25.67 -7.54 -30.18
N TYR B 84 -25.33 -6.25 -30.20
CA TYR B 84 -25.86 -5.27 -29.25
C TYR B 84 -26.50 -4.07 -29.95
N ASN B 85 -27.68 -3.67 -29.45
CA ASN B 85 -28.38 -2.49 -29.96
C ASN B 85 -28.29 -1.37 -28.91
N VAL B 86 -27.16 -0.69 -28.89
CA VAL B 86 -26.85 0.30 -27.85
C VAL B 86 -27.62 1.62 -28.04
N THR B 87 -28.58 1.86 -27.16
CA THR B 87 -29.33 3.11 -27.12
C THR B 87 -29.02 3.86 -25.83
N SER B 88 -28.62 5.12 -25.96
CA SER B 88 -28.29 5.96 -24.80
C SER B 88 -29.39 6.97 -24.52
N VAL B 89 -30.14 6.72 -23.45
CA VAL B 89 -31.21 7.61 -23.02
C VAL B 89 -30.64 8.69 -22.09
N LEU B 90 -30.86 9.95 -22.43
CA LEU B 90 -30.39 11.08 -21.63
C LEU B 90 -31.37 12.25 -21.62
N PHE B 91 -31.25 13.07 -20.58
CA PHE B 91 -32.19 14.16 -20.29
C PHE B 91 -31.59 15.49 -20.74
N ARG B 92 -32.27 16.19 -21.65
CA ARG B 92 -31.76 17.45 -22.20
C ARG B 92 -32.77 18.28 -22.99
N LYS B 93 -32.91 19.54 -22.59
CA LYS B 93 -33.51 20.62 -23.41
C LYS B 93 -35.05 20.76 -23.58
N LYS B 94 -35.91 20.32 -22.66
CA LYS B 94 -35.60 19.44 -21.53
C LYS B 94 -36.46 18.18 -21.70
N LYS B 95 -36.30 17.54 -22.85
CA LYS B 95 -36.97 16.29 -23.17
C LYS B 95 -36.00 15.14 -22.91
N CYS B 96 -36.42 13.91 -23.21
CA CYS B 96 -35.54 12.75 -23.11
C CYS B 96 -35.10 12.33 -24.52
N ASP B 97 -33.94 12.84 -24.93
CA ASP B 97 -33.37 12.53 -26.25
C ASP B 97 -32.81 11.11 -26.29
N TYR B 98 -32.85 10.50 -27.46
CA TYR B 98 -32.38 9.12 -27.65
C TYR B 98 -31.31 9.03 -28.73
N TRP B 99 -30.11 8.59 -28.35
CA TRP B 99 -29.01 8.35 -29.28
C TRP B 99 -28.83 6.85 -29.47
N ILE B 100 -29.23 6.35 -30.64
CA ILE B 100 -29.17 4.92 -30.96
C ILE B 100 -27.95 4.59 -31.82
N ARG B 101 -27.37 3.41 -31.57
CA ARG B 101 -26.22 2.92 -32.33
C ARG B 101 -26.04 1.42 -32.12
N THR B 102 -25.49 0.75 -33.13
CA THR B 102 -25.32 -0.71 -33.10
C THR B 102 -23.87 -1.09 -32.77
N PHE B 103 -23.71 -2.06 -31.87
CA PHE B 103 -22.39 -2.55 -31.45
C PHE B 103 -22.23 -4.01 -31.89
N VAL B 104 -21.33 -4.26 -32.84
CA VAL B 104 -21.09 -5.61 -33.36
C VAL B 104 -19.81 -6.22 -32.77
N PRO B 105 -19.88 -7.45 -32.22
CA PRO B 105 -18.72 -8.15 -31.65
C PRO B 105 -17.51 -8.25 -32.58
N GLY B 106 -16.32 -8.12 -32.01
CA GLY B 106 -15.08 -8.20 -32.76
C GLY B 106 -14.56 -9.62 -32.87
N SER B 107 -13.25 -9.76 -33.01
CA SER B 107 -12.60 -11.06 -33.12
C SER B 107 -12.64 -11.79 -31.79
N GLN B 108 -11.95 -11.23 -30.81
CA GLN B 108 -11.93 -11.79 -29.44
C GLN B 108 -13.13 -11.29 -28.65
N PRO B 109 -13.69 -12.13 -27.76
CA PRO B 109 -14.91 -11.77 -27.03
C PRO B 109 -14.67 -10.65 -26.03
N GLY B 110 -15.46 -9.59 -26.14
CA GLY B 110 -15.29 -8.38 -25.32
C GLY B 110 -15.07 -7.14 -26.17
N GLU B 111 -14.50 -7.33 -27.36
CA GLU B 111 -14.29 -6.24 -28.32
C GLU B 111 -15.53 -6.03 -29.17
N PHE B 112 -15.79 -4.77 -29.55
CA PHE B 112 -16.93 -4.44 -30.40
C PHE B 112 -16.59 -3.36 -31.43
N THR B 113 -17.37 -3.31 -32.50
CA THR B 113 -17.25 -2.29 -33.54
C THR B 113 -18.59 -1.60 -33.77
N LEU B 114 -18.56 -0.35 -34.23
CA LEU B 114 -19.76 0.40 -34.55
C LEU B 114 -20.46 -0.20 -35.78
N GLY B 115 -21.73 -0.54 -35.62
CA GLY B 115 -22.52 -1.12 -36.71
C GLY B 115 -22.98 -0.04 -37.68
N ASN B 116 -23.05 -0.40 -38.95
CA ASN B 116 -23.33 0.57 -40.03
C ASN B 116 -22.39 1.76 -39.94
N ILE B 117 -21.10 1.47 -39.77
CA ILE B 117 -20.08 2.50 -39.55
C ILE B 117 -19.98 3.49 -40.71
N LYS B 118 -20.30 3.02 -41.90
CA LYS B 118 -20.34 3.87 -43.10
C LYS B 118 -21.42 4.95 -42.99
N SER B 119 -22.57 4.58 -42.45
CA SER B 119 -23.72 5.50 -42.35
C SER B 119 -23.42 6.73 -41.48
N TYR B 120 -22.52 6.57 -40.51
CA TYR B 120 -22.05 7.69 -39.70
C TYR B 120 -21.02 8.49 -40.50
N PRO B 121 -21.34 9.77 -40.83
CA PRO B 121 -20.41 10.57 -41.63
C PRO B 121 -19.22 11.09 -40.80
N GLY B 122 -18.00 10.83 -41.28
CA GLY B 122 -16.78 11.25 -40.60
C GLY B 122 -16.08 10.09 -39.89
N LEU B 123 -16.88 9.21 -39.28
CA LEU B 123 -16.34 8.06 -38.55
C LEU B 123 -15.62 7.10 -39.49
N THR B 124 -14.29 7.06 -39.38
CA THR B 124 -13.45 6.16 -40.17
C THR B 124 -13.30 4.82 -39.46
N SER B 125 -12.97 4.89 -38.17
CA SER B 125 -12.81 3.73 -37.31
C SER B 125 -13.51 3.94 -35.97
N TYR B 126 -13.96 2.84 -35.37
CA TYR B 126 -14.58 2.87 -34.04
C TYR B 126 -14.31 1.56 -33.33
N LEU B 127 -13.78 1.65 -32.11
CA LEU B 127 -13.42 0.47 -31.34
C LEU B 127 -13.95 0.56 -29.91
N VAL B 128 -14.40 -0.56 -29.39
CA VAL B 128 -14.87 -0.67 -28.01
C VAL B 128 -14.28 -1.93 -27.40
N ARG B 129 -13.54 -1.77 -26.31
CA ARG B 129 -12.98 -2.90 -25.57
C ARG B 129 -13.44 -2.84 -24.12
N VAL B 130 -14.16 -3.88 -23.70
CA VAL B 130 -14.58 -4.01 -22.30
C VAL B 130 -13.35 -4.36 -21.45
N VAL B 131 -12.99 -3.45 -20.55
CA VAL B 131 -11.73 -3.56 -19.81
C VAL B 131 -11.80 -4.61 -18.71
N SER B 132 -12.73 -4.41 -17.78
CA SER B 132 -12.88 -5.30 -16.64
C SER B 132 -14.29 -5.18 -16.05
N THR B 133 -14.95 -6.31 -15.86
CA THR B 133 -16.32 -6.33 -15.35
C THR B 133 -16.77 -7.70 -14.89
N ASN B 134 -17.45 -7.72 -13.73
CA ASN B 134 -18.17 -8.91 -13.27
C ASN B 134 -19.52 -9.04 -13.98
N TYR B 135 -20.04 -7.91 -14.46
CA TYR B 135 -21.33 -7.84 -15.14
C TYR B 135 -22.52 -7.82 -14.15
N ASN B 136 -22.20 -7.69 -12.87
CA ASN B 136 -23.21 -7.75 -11.80
C ASN B 136 -23.34 -6.42 -11.07
N GLN B 137 -22.21 -5.90 -10.60
CA GLN B 137 -22.18 -4.62 -9.88
C GLN B 137 -21.71 -3.49 -10.78
N HIS B 138 -20.58 -3.71 -11.47
CA HIS B 138 -19.90 -2.67 -12.23
C HIS B 138 -19.29 -3.20 -13.54
N ALA B 139 -18.78 -2.26 -14.34
CA ALA B 139 -18.07 -2.59 -15.58
C ALA B 139 -17.27 -1.38 -16.08
N MET B 140 -16.07 -1.65 -16.60
CA MET B 140 -15.25 -0.60 -17.24
C MET B 140 -15.08 -0.87 -18.74
N VAL B 141 -15.50 0.09 -19.55
CA VAL B 141 -15.47 -0.04 -21.01
C VAL B 141 -14.62 1.06 -21.65
N PHE B 142 -13.67 0.65 -22.48
CA PHE B 142 -12.81 1.58 -23.24
C PHE B 142 -13.41 1.87 -24.60
N PHE B 143 -13.50 3.15 -24.95
CA PHE B 143 -14.02 3.59 -26.24
C PHE B 143 -12.97 4.35 -27.03
N LYS B 144 -13.00 4.18 -28.35
CA LYS B 144 -12.05 4.86 -29.24
C LYS B 144 -12.68 5.07 -30.62
N LYS B 145 -12.49 6.26 -31.20
CA LYS B 145 -13.04 6.56 -32.52
C LYS B 145 -12.10 7.47 -33.33
N VAL B 146 -12.05 7.22 -34.63
CA VAL B 146 -11.33 8.07 -35.58
C VAL B 146 -12.36 8.86 -36.41
N SER B 147 -12.54 10.13 -36.05
CA SER B 147 -13.55 10.97 -36.70
C SER B 147 -13.30 12.47 -36.44
N GLN B 148 -13.17 13.28 -37.48
CA GLN B 148 -13.14 12.86 -38.89
C GLN B 148 -11.83 12.16 -39.21
N ASN B 149 -10.73 12.84 -38.93
CA ASN B 149 -9.39 12.26 -38.95
C ASN B 149 -8.72 12.39 -37.58
N ARG B 150 -9.53 12.62 -36.55
CA ARG B 150 -9.04 12.79 -35.17
C ARG B 150 -9.23 11.49 -34.37
N GLU B 151 -8.18 11.06 -33.68
CA GLU B 151 -8.22 9.86 -32.85
C GLU B 151 -8.69 10.20 -31.43
N TYR B 152 -10.00 10.09 -31.21
CA TYR B 152 -10.60 10.32 -29.89
C TYR B 152 -10.59 9.05 -29.06
N PHE B 153 -10.75 9.20 -27.76
CA PHE B 153 -10.90 8.06 -26.85
C PHE B 153 -11.61 8.45 -25.56
N ALA B 154 -12.16 7.45 -24.87
CA ALA B 154 -12.90 7.68 -23.63
C ALA B 154 -13.05 6.39 -22.81
N ILE B 155 -13.28 6.57 -21.51
CA ILE B 155 -13.49 5.44 -20.60
C ILE B 155 -14.69 5.71 -19.70
N THR B 156 -15.57 4.72 -19.58
CA THR B 156 -16.70 4.79 -18.67
C THR B 156 -16.65 3.66 -17.65
N LEU B 157 -16.78 4.01 -16.38
CA LEU B 157 -16.99 3.04 -15.31
C LEU B 157 -18.49 2.89 -15.09
N TYR B 158 -19.07 1.88 -15.72
CA TYR B 158 -20.51 1.62 -15.61
C TYR B 158 -20.88 0.99 -14.27
N GLY B 159 -22.16 1.08 -13.94
CA GLY B 159 -22.72 0.48 -12.73
C GLY B 159 -24.21 0.24 -12.89
N ARG B 160 -24.68 -0.92 -12.44
CA ARG B 160 -26.09 -1.29 -12.57
C ARG B 160 -27.00 -0.33 -11.78
N THR B 161 -26.54 0.05 -10.59
CA THR B 161 -27.23 1.05 -9.77
C THR B 161 -26.80 2.45 -10.20
N LYS B 162 -27.45 3.47 -9.64
CA LYS B 162 -27.15 4.87 -9.98
C LYS B 162 -25.79 5.37 -9.47
N GLU B 163 -25.29 4.74 -8.40
CA GLU B 163 -23.97 5.09 -7.84
C GLU B 163 -23.20 3.86 -7.36
N LEU B 164 -21.90 4.04 -7.11
CA LEU B 164 -20.99 2.93 -6.77
C LEU B 164 -19.94 3.30 -5.71
N THR B 165 -19.08 2.34 -5.39
CA THR B 165 -18.08 2.49 -4.32
C THR B 165 -16.95 3.46 -4.69
N SER B 166 -16.19 3.87 -3.67
CA SER B 166 -15.05 4.77 -3.85
C SER B 166 -13.87 4.06 -4.50
N LEU B 168 -14.14 1.12 -6.35
CA LEU B 168 -14.56 1.09 -7.75
C LEU B 168 -14.17 2.37 -8.47
N LYS B 169 -14.65 3.50 -7.96
CA LYS B 169 -14.38 4.82 -8.55
C LYS B 169 -12.91 5.23 -8.40
N GLU B 170 -12.24 4.69 -7.38
CA GLU B 170 -10.82 5.00 -7.13
C GLU B 170 -9.92 4.27 -8.13
N ASN B 171 -10.24 3.01 -8.40
CA ASN B 171 -9.55 2.22 -9.43
C ASN B 171 -9.81 2.76 -10.83
N PHE B 172 -10.99 3.37 -11.02
CA PHE B 172 -11.36 4.01 -12.29
C PHE B 172 -10.52 5.26 -12.54
N ILE B 173 -10.34 6.08 -11.50
CA ILE B 173 -9.53 7.30 -11.57
C ILE B 173 -8.04 6.97 -11.74
N ARG B 174 -7.62 5.83 -11.21
CA ARG B 174 -6.25 5.35 -11.36
C ARG B 174 -6.01 4.79 -12.77
N PHE B 175 -7.03 4.15 -13.33
CA PHE B 175 -6.94 3.59 -14.68
C PHE B 175 -6.99 4.68 -15.76
N SER B 176 -7.84 5.69 -15.53
CA SER B 176 -7.94 6.84 -16.43
C SER B 176 -6.63 7.63 -16.48
N LYS B 177 -5.96 7.73 -15.34
CA LYS B 177 -4.66 8.40 -15.24
C LYS B 177 -3.56 7.61 -15.96
N SER B 178 -3.65 6.28 -15.93
CA SER B 178 -2.68 5.42 -16.60
C SER B 178 -2.76 5.52 -18.13
N LEU B 179 -3.95 5.79 -18.65
CA LEU B 179 -4.16 5.97 -20.09
C LEU B 179 -3.62 7.31 -20.57
N GLY B 180 -3.52 8.28 -19.66
CA GLY B 180 -2.97 9.61 -19.97
C GLY B 180 -3.87 10.77 -19.56
N LEU B 181 -5.15 10.47 -19.30
CA LEU B 181 -6.13 11.50 -18.98
C LEU B 181 -5.89 12.09 -17.60
N PRO B 182 -5.75 13.44 -17.52
CA PRO B 182 -5.61 14.12 -16.22
C PRO B 182 -6.93 14.23 -15.45
N GLU B 183 -6.87 14.84 -14.27
CA GLU B 183 -8.02 14.90 -13.35
C GLU B 183 -9.19 15.76 -13.87
N ASN B 184 -8.86 16.86 -14.55
CA ASN B 184 -9.89 17.76 -15.09
C ASN B 184 -10.70 17.15 -16.25
N HIS B 185 -10.15 16.09 -16.86
CA HIS B 185 -10.82 15.35 -17.93
C HIS B 185 -11.53 14.08 -17.43
N ILE B 186 -11.68 13.95 -16.12
CA ILE B 186 -12.35 12.80 -15.51
C ILE B 186 -13.54 13.28 -14.66
N VAL B 187 -14.75 12.93 -15.10
CA VAL B 187 -15.98 13.42 -14.45
C VAL B 187 -16.82 12.28 -13.88
N PHE B 188 -17.51 12.56 -12.78
CA PHE B 188 -18.47 11.65 -12.17
C PHE B 188 -19.88 12.25 -12.30
N PRO B 189 -20.64 11.84 -13.33
CA PRO B 189 -21.97 12.41 -13.61
C PRO B 189 -22.94 12.41 -12.42
N VAL B 190 -23.81 13.41 -12.39
CA VAL B 190 -24.77 13.59 -11.31
C VAL B 190 -26.03 12.75 -11.55
N PRO B 191 -26.32 11.79 -10.64
CA PRO B 191 -27.52 10.95 -10.79
C PRO B 191 -28.83 11.72 -10.77
N ILE B 192 -29.87 11.10 -11.31
CA ILE B 192 -31.22 11.71 -11.40
C ILE B 192 -32.29 10.63 -11.44
N ASP B 193 -33.54 11.05 -11.65
CA ASP B 193 -34.68 10.14 -11.74
C ASP B 193 -35.52 10.32 -13.03
N GLN B 194 -34.95 11.02 -14.01
CA GLN B 194 -35.64 11.34 -15.26
C GLN B 194 -35.21 10.41 -16.39
N CYS B 195 -36.18 9.78 -17.04
CA CYS B 195 -35.98 8.85 -18.19
C CYS B 195 -34.97 7.70 -18.05
N ILE B 196 -33.93 7.85 -17.24
CA ILE B 196 -32.90 6.82 -17.10
C ILE B 196 -33.39 5.57 -16.35
N ASP B 197 -34.45 5.72 -15.56
CA ASP B 197 -35.11 4.58 -14.89
C ASP B 197 -36.18 4.00 -15.80
N SER C 23 22.09 -36.82 10.54
CA SER C 23 23.28 -36.28 11.28
C SER C 23 24.51 -36.14 10.39
N THR C 24 24.58 -36.93 9.33
CA THR C 24 25.67 -36.84 8.34
C THR C 24 25.21 -36.99 6.89
N SER C 25 23.90 -36.81 6.64
CA SER C 25 23.33 -37.00 5.30
C SER C 25 23.71 -35.87 4.34
N ASP C 26 23.10 -35.81 3.17
CA ASP C 26 23.29 -34.67 2.28
C ASP C 26 22.31 -33.57 2.65
N LEU C 27 22.69 -32.32 2.37
CA LEU C 27 21.88 -31.15 2.73
C LEU C 27 21.63 -30.27 1.51
N ILE C 28 20.42 -29.72 1.44
CA ILE C 28 20.11 -28.70 0.44
C ILE C 28 20.94 -27.48 0.81
N PRO C 29 21.66 -26.90 -0.17
CA PRO C 29 22.56 -25.81 0.18
C PRO C 29 21.83 -24.59 0.73
N ALA C 30 22.48 -23.90 1.67
CA ALA C 30 21.98 -22.62 2.13
C ALA C 30 21.84 -21.69 0.93
N PRO C 31 20.76 -20.91 0.87
CA PRO C 31 20.63 -19.98 -0.25
C PRO C 31 21.57 -18.79 -0.08
N PRO C 32 21.94 -18.14 -1.18
CA PRO C 32 22.71 -16.90 -1.04
C PRO C 32 21.86 -15.85 -0.35
N LEU C 33 22.47 -15.09 0.55
CA LEU C 33 21.75 -14.08 1.34
C LEU C 33 21.01 -13.06 0.48
N SER C 34 21.53 -12.80 -0.72
CA SER C 34 20.88 -11.87 -1.65
C SER C 34 19.44 -12.27 -2.02
N LYS C 35 19.11 -13.56 -1.88
CA LYS C 35 17.75 -14.06 -2.08
C LYS C 35 16.87 -14.00 -0.81
N VAL C 36 17.41 -13.46 0.27
CA VAL C 36 16.69 -13.33 1.53
C VAL C 36 16.50 -11.85 1.91
N PRO C 37 15.31 -11.28 1.62
CA PRO C 37 15.07 -9.89 1.98
C PRO C 37 15.22 -9.59 3.48
N LEU C 38 15.53 -8.34 3.79
CA LEU C 38 15.55 -7.85 5.16
C LEU C 38 14.39 -6.85 5.31
N GLN C 39 13.57 -7.04 6.34
CA GLN C 39 12.51 -6.08 6.67
C GLN C 39 13.06 -4.67 6.75
N GLN C 40 12.47 -3.76 5.99
CA GLN C 40 12.90 -2.36 5.96
C GLN C 40 12.54 -1.67 7.28
N ASN C 41 13.44 -0.83 7.78
CA ASN C 41 13.22 -0.02 8.99
C ASN C 41 12.65 -0.86 10.13
N PHE C 42 13.38 -1.91 10.50
CA PHE C 42 12.91 -2.86 11.50
C PHE C 42 12.74 -2.21 12.88
N GLN C 43 11.58 -2.44 13.49
CA GLN C 43 11.21 -1.84 14.77
C GLN C 43 11.22 -2.87 15.89
N ASP C 44 12.30 -2.89 16.67
CA ASP C 44 12.51 -3.95 17.66
C ASP C 44 11.46 -3.99 18.77
N ASN C 45 11.03 -2.82 19.24
CA ASN C 45 9.98 -2.74 20.26
C ASN C 45 8.65 -3.34 19.75
N GLN C 46 8.33 -3.08 18.49
CA GLN C 46 7.10 -3.58 17.88
C GLN C 46 7.12 -5.08 17.62
N PHE C 47 8.31 -5.66 17.44
CA PHE C 47 8.46 -7.10 17.20
C PHE C 47 8.39 -7.94 18.47
N GLN C 48 8.43 -7.29 19.64
CA GLN C 48 8.37 -7.96 20.94
C GLN C 48 7.14 -8.80 21.15
N GLY C 49 7.25 -9.76 22.06
CA GLY C 49 6.10 -10.55 22.50
C GLY C 49 6.13 -11.98 22.02
N LYS C 50 4.99 -12.66 22.14
CA LYS C 50 4.85 -14.04 21.74
C LYS C 50 4.50 -14.15 20.26
N TRP C 51 5.20 -15.04 19.56
CA TRP C 51 4.84 -15.44 18.20
C TRP C 51 4.62 -16.95 18.18
N TYR C 52 3.58 -17.37 17.47
CA TYR C 52 3.31 -18.79 17.27
C TYR C 52 3.93 -19.24 15.94
N VAL C 53 4.58 -20.40 15.95
CA VAL C 53 5.19 -20.93 14.73
C VAL C 53 4.14 -21.66 13.89
N VAL C 54 3.44 -20.93 13.04
CA VAL C 54 2.36 -21.52 12.24
C VAL C 54 2.89 -22.17 10.97
N GLY C 55 4.11 -21.82 10.58
CA GLY C 55 4.78 -22.42 9.45
C GLY C 55 6.27 -22.58 9.72
N LEU C 56 6.83 -23.71 9.31
CA LEU C 56 8.25 -23.99 9.49
C LEU C 56 8.81 -24.67 8.23
N ALA C 57 9.89 -24.12 7.70
CA ALA C 57 10.60 -24.71 6.58
C ALA C 57 12.10 -24.72 6.84
N GLY C 58 12.82 -25.65 6.21
CA GLY C 58 14.27 -25.72 6.34
C GLY C 58 14.88 -26.96 5.73
N ASN C 59 16.20 -26.95 5.54
CA ASN C 59 16.90 -28.07 4.91
C ASN C 59 17.09 -29.29 5.82
N ALA C 60 16.87 -29.11 7.12
CA ALA C 60 16.85 -30.23 8.08
C ALA C 60 15.45 -30.44 8.67
N ILE C 61 14.45 -29.81 8.08
CA ILE C 61 13.04 -30.00 8.44
C ILE C 61 12.40 -30.89 7.40
N LEU C 62 11.76 -31.97 7.86
CA LEU C 62 11.15 -32.96 6.96
C LEU C 62 9.73 -33.24 7.43
N ARG C 63 8.79 -33.27 6.48
CA ARG C 63 7.39 -33.53 6.80
C ARG C 63 7.24 -34.93 7.37
N GLU C 64 6.47 -35.04 8.46
CA GLU C 64 6.31 -36.29 9.19
C GLU C 64 4.81 -36.66 9.30
N ASP C 65 4.34 -37.42 8.31
CA ASP C 65 2.94 -37.83 8.22
C ASP C 65 2.42 -38.62 9.44
N LYS C 66 3.23 -39.53 9.95
CA LYS C 66 2.83 -40.42 11.05
C LYS C 66 2.81 -39.73 12.42
N ASP C 67 3.69 -38.76 12.59
CA ASP C 67 3.74 -37.97 13.83
C ASP C 67 3.95 -36.49 13.48
N PRO C 68 2.84 -35.76 13.20
CA PRO C 68 2.94 -34.37 12.76
C PRO C 68 3.60 -33.44 13.77
N GLN C 69 4.39 -32.49 13.25
CA GLN C 69 5.01 -31.45 14.07
C GLN C 69 3.93 -30.68 14.84
N LYS C 70 4.17 -30.46 16.13
CA LYS C 70 3.27 -29.65 16.95
C LYS C 70 3.72 -28.21 16.98
N MET C 71 2.74 -27.30 17.00
CA MET C 71 3.01 -25.87 17.09
C MET C 71 3.72 -25.55 18.39
N TYR C 72 4.72 -24.69 18.30
CA TYR C 72 5.38 -24.13 19.47
C TYR C 72 5.34 -22.61 19.38
N ALA C 73 5.72 -21.96 20.48
CA ALA C 73 5.73 -20.52 20.55
C ALA C 73 7.14 -20.05 20.84
N THR C 74 7.48 -18.87 20.32
CA THR C 74 8.74 -18.21 20.62
C THR C 74 8.45 -16.81 21.11
N ILE C 75 9.04 -16.46 22.25
CA ILE C 75 8.80 -15.17 22.89
C ILE C 75 10.05 -14.32 22.83
N TYR C 76 9.91 -13.13 22.25
CA TYR C 76 11.00 -12.18 22.12
C TYR C 76 10.83 -11.07 23.15
N GLU C 77 11.69 -11.07 24.16
CA GLU C 77 11.69 -10.01 25.17
C GLU C 77 12.83 -9.05 24.90
N LEU C 78 12.50 -7.79 24.67
CA LEU C 78 13.50 -6.77 24.37
C LEU C 78 14.16 -6.35 25.68
N LYS C 79 15.48 -6.43 25.72
CA LYS C 79 16.25 -6.05 26.90
C LYS C 79 16.73 -4.61 26.81
N GLU C 80 17.10 -4.05 27.97
CA GLU C 80 17.58 -2.68 28.08
C GLU C 80 18.80 -2.41 27.18
N ASP C 81 19.61 -3.45 26.94
CA ASP C 81 20.75 -3.36 26.02
C ASP C 81 20.36 -3.62 24.55
N LYS C 82 19.06 -3.71 24.28
CA LYS C 82 18.51 -3.89 22.92
C LYS C 82 18.77 -5.26 22.28
N SER C 83 19.28 -6.21 23.06
CA SER C 83 19.34 -7.60 22.62
C SER C 83 18.02 -8.24 23.01
N TYR C 84 17.67 -9.32 22.31
CA TYR C 84 16.46 -10.07 22.64
C TYR C 84 16.79 -11.26 23.51
N ASN C 85 16.05 -11.42 24.59
CA ASN C 85 16.01 -12.69 25.30
C ASN C 85 14.90 -13.48 24.62
N VAL C 86 15.26 -14.63 24.06
CA VAL C 86 14.35 -15.41 23.25
C VAL C 86 14.07 -16.76 23.89
N THR C 87 12.79 -17.01 24.19
CA THR C 87 12.36 -18.24 24.80
C THR C 87 11.38 -18.96 23.89
N SER C 88 11.76 -20.16 23.46
CA SER C 88 10.85 -21.02 22.71
C SER C 88 10.27 -22.06 23.66
N VAL C 89 8.96 -22.19 23.64
CA VAL C 89 8.24 -23.12 24.48
C VAL C 89 7.55 -24.16 23.60
N LEU C 90 7.95 -25.42 23.75
CA LEU C 90 7.43 -26.53 22.96
C LEU C 90 6.88 -27.63 23.86
N PHE C 91 6.01 -28.46 23.29
CA PHE C 91 5.40 -29.58 24.01
C PHE C 91 5.99 -30.91 23.53
N ARG C 92 6.99 -31.38 24.28
CA ARG C 92 7.74 -32.57 23.93
C ARG C 92 7.69 -33.60 25.05
N LYS C 93 7.17 -34.78 24.72
CA LYS C 93 7.12 -35.90 25.66
C LYS C 93 6.33 -35.53 26.88
N LYS C 94 5.08 -35.11 26.68
CA LYS C 94 4.18 -34.85 27.79
C LYS C 94 4.67 -33.71 28.72
N LYS C 95 5.75 -33.02 28.34
CA LYS C 95 6.26 -31.91 29.13
C LYS C 95 6.41 -30.66 28.29
N CYS C 96 6.60 -29.54 28.98
CA CYS C 96 6.88 -28.26 28.35
C CYS C 96 8.39 -28.04 28.36
N ASP C 97 9.00 -28.04 27.18
CA ASP C 97 10.43 -27.77 27.04
C ASP C 97 10.66 -26.28 26.80
N TYR C 98 11.77 -25.77 27.32
CA TYR C 98 12.09 -24.35 27.23
C TYR C 98 13.48 -24.14 26.66
N TRP C 99 13.52 -23.67 25.41
CA TRP C 99 14.76 -23.36 24.72
C TRP C 99 15.00 -21.87 24.84
N ILE C 100 15.97 -21.49 25.68
CA ILE C 100 16.27 -20.10 25.97
C ILE C 100 17.63 -19.70 25.41
N ARG C 101 17.66 -18.58 24.70
CA ARG C 101 18.92 -18.03 24.19
C ARG C 101 18.79 -16.52 23.95
N THR C 102 19.92 -15.88 23.65
CA THR C 102 19.96 -14.44 23.43
C THR C 102 20.31 -14.08 21.99
N PHE C 103 19.50 -13.21 21.40
CA PHE C 103 19.73 -12.68 20.05
C PHE C 103 20.32 -11.28 20.17
N VAL C 104 21.60 -11.16 19.82
CA VAL C 104 22.31 -9.88 19.84
C VAL C 104 22.13 -9.19 18.49
N PRO C 105 21.86 -7.87 18.48
CA PRO C 105 21.65 -7.17 17.21
C PRO C 105 22.81 -7.34 16.24
N GLY C 106 22.50 -7.58 14.97
CA GLY C 106 23.50 -7.84 13.95
C GLY C 106 23.93 -6.60 13.20
N SER C 107 24.50 -6.82 12.02
CA SER C 107 25.06 -5.75 11.19
C SER C 107 24.01 -4.72 10.77
N GLN C 108 22.80 -5.20 10.49
CA GLN C 108 21.69 -4.34 10.07
C GLN C 108 20.47 -4.58 10.97
N PRO C 109 19.67 -3.53 11.25
CA PRO C 109 18.49 -3.70 12.09
C PRO C 109 17.56 -4.76 11.51
N GLY C 110 17.17 -5.73 12.35
CA GLY C 110 16.38 -6.87 11.92
C GLY C 110 17.21 -8.14 11.71
N GLU C 111 18.53 -8.00 11.73
CA GLU C 111 19.43 -9.15 11.77
C GLU C 111 19.94 -9.35 13.18
N PHE C 112 20.21 -10.61 13.53
CA PHE C 112 20.70 -10.94 14.86
C PHE C 112 21.75 -12.03 14.81
N THR C 113 22.68 -11.95 15.76
CA THR C 113 23.66 -12.99 16.00
C THR C 113 23.34 -13.66 17.34
N LEU C 114 23.85 -14.87 17.53
CA LEU C 114 23.62 -15.61 18.77
C LEU C 114 24.62 -15.16 19.84
N GLY C 115 24.11 -14.78 21.00
CA GLY C 115 24.97 -14.39 22.12
C GLY C 115 25.57 -15.61 22.81
N ASN C 116 26.78 -15.45 23.33
CA ASN C 116 27.47 -16.53 24.04
CA ASN C 116 27.48 -16.53 24.04
C ASN C 116 27.54 -17.81 23.20
N ILE C 117 27.97 -17.66 21.95
CA ILE C 117 28.03 -18.79 21.00
C ILE C 117 28.97 -19.90 21.45
N LYS C 118 30.04 -19.52 22.16
CA LYS C 118 31.04 -20.48 22.65
C LYS C 118 30.45 -21.56 23.55
N SER C 119 29.38 -21.22 24.27
CA SER C 119 28.70 -22.16 25.17
C SER C 119 27.82 -23.19 24.46
N TYR C 120 27.70 -23.10 23.13
CA TYR C 120 26.96 -24.09 22.36
C TYR C 120 27.96 -25.00 21.62
N PRO C 121 28.04 -26.28 22.02
CA PRO C 121 29.05 -27.17 21.43
C PRO C 121 28.90 -27.37 19.93
N GLY C 122 29.99 -27.18 19.21
CA GLY C 122 30.03 -27.40 17.76
C GLY C 122 29.50 -26.27 16.90
N LEU C 123 28.91 -25.26 17.55
CA LEU C 123 28.26 -24.15 16.85
C LEU C 123 29.28 -23.06 16.53
N THR C 124 29.57 -22.87 15.25
CA THR C 124 30.57 -21.89 14.81
C THR C 124 29.97 -20.63 14.20
N SER C 125 28.70 -20.69 13.83
CA SER C 125 28.02 -19.57 13.21
C SER C 125 26.52 -19.62 13.44
N TYR C 126 25.89 -18.44 13.51
CA TYR C 126 24.44 -18.33 13.69
C TYR C 126 23.94 -16.95 13.24
N LEU C 127 22.91 -16.95 12.40
CA LEU C 127 22.36 -15.71 11.87
C LEU C 127 20.83 -15.75 11.85
N VAL C 128 20.22 -14.65 12.29
CA VAL C 128 18.78 -14.46 12.16
C VAL C 128 18.54 -13.24 11.30
N ARG C 129 17.61 -13.34 10.36
CA ARG C 129 17.18 -12.19 9.57
C ARG C 129 15.66 -12.17 9.45
N VAL C 130 15.05 -11.12 10.00
CA VAL C 130 13.60 -10.92 9.85
C VAL C 130 13.37 -10.49 8.40
N VAL C 131 12.62 -11.31 7.68
CA VAL C 131 12.39 -11.08 6.25
C VAL C 131 11.26 -10.09 6.03
N SER C 132 10.15 -10.34 6.72
CA SER C 132 8.93 -9.58 6.52
C SER C 132 8.08 -9.65 7.78
N THR C 133 7.45 -8.55 8.16
CA THR C 133 6.53 -8.53 9.29
C THR C 133 5.67 -7.26 9.28
N ASN C 134 4.41 -7.39 9.70
CA ASN C 134 3.58 -6.22 9.98
C ASN C 134 3.42 -5.99 11.49
N TYR C 135 4.17 -6.78 12.28
CA TYR C 135 4.25 -6.66 13.74
C TYR C 135 3.02 -7.11 14.52
N ASN C 136 1.86 -6.97 13.90
CA ASN C 136 0.56 -7.28 14.51
C ASN C 136 -0.02 -8.64 14.23
N GLN C 137 0.36 -9.26 13.12
CA GLN C 137 -0.26 -10.53 12.75
C GLN C 137 0.76 -11.58 12.39
N HIS C 138 1.62 -11.25 11.44
CA HIS C 138 2.52 -12.22 10.84
C HIS C 138 3.96 -11.72 10.82
N ALA C 139 4.87 -12.66 10.62
CA ALA C 139 6.27 -12.37 10.42
C ALA C 139 6.92 -13.59 9.77
N MET C 140 7.84 -13.33 8.84
CA MET C 140 8.71 -14.37 8.30
C MET C 140 10.12 -14.07 8.73
N VAL C 141 10.77 -15.07 9.30
CA VAL C 141 12.13 -14.93 9.81
C VAL C 141 13.02 -16.04 9.28
N PHE C 142 14.17 -15.64 8.75
CA PHE C 142 15.16 -16.56 8.21
C PHE C 142 16.18 -16.85 9.31
N PHE C 143 16.55 -18.12 9.43
CA PHE C 143 17.57 -18.56 10.38
C PHE C 143 18.64 -19.36 9.65
N LYS C 144 19.90 -19.16 10.01
CA LYS C 144 21.00 -19.93 9.43
C LYS C 144 22.07 -20.21 10.47
N LYS C 145 22.43 -21.48 10.63
CA LYS C 145 23.49 -21.87 11.57
C LYS C 145 24.45 -22.87 10.95
N VAL C 146 25.71 -22.77 11.34
CA VAL C 146 26.71 -23.79 10.99
C VAL C 146 27.04 -24.56 12.26
N SER C 147 26.61 -25.82 12.30
CA SER C 147 26.80 -26.68 13.45
C SER C 147 27.55 -27.92 13.00
N GLN C 148 28.66 -28.21 13.68
CA GLN C 148 29.58 -29.28 13.26
C GLN C 148 29.88 -29.15 11.78
N ASN C 149 30.13 -27.92 11.35
CA ASN C 149 30.47 -27.63 9.96
C ASN C 149 29.39 -27.94 8.93
N ARG C 150 28.18 -28.22 9.39
CA ARG C 150 27.05 -28.43 8.50
C ARG C 150 26.18 -27.17 8.50
N GLU C 151 25.89 -26.64 7.32
CA GLU C 151 25.15 -25.40 7.21
C GLU C 151 23.64 -25.64 7.14
N TYR C 152 22.95 -25.37 8.25
CA TYR C 152 21.50 -25.50 8.33
C TYR C 152 20.84 -24.12 8.16
N PHE C 153 19.74 -24.08 7.42
CA PHE C 153 18.90 -22.88 7.38
C PHE C 153 17.43 -23.22 7.61
N ALA C 154 16.67 -22.21 8.02
CA ALA C 154 15.25 -22.38 8.30
C ALA C 154 14.49 -21.08 8.11
N ILE C 155 13.21 -21.21 7.78
CA ILE C 155 12.32 -20.08 7.69
C ILE C 155 11.11 -20.40 8.55
N THR C 156 10.71 -19.45 9.39
CA THR C 156 9.51 -19.59 10.20
C THR C 156 8.45 -18.60 9.75
N LEU C 157 7.22 -19.08 9.68
CA LEU C 157 6.06 -18.21 9.50
C LEU C 157 5.55 -17.96 10.90
N TYR C 158 5.64 -16.73 11.36
CA TYR C 158 5.20 -16.37 12.71
C TYR C 158 3.78 -15.80 12.69
N GLY C 159 3.00 -16.12 13.72
CA GLY C 159 1.67 -15.54 13.91
C GLY C 159 1.49 -15.08 15.34
N ARG C 160 0.78 -13.97 15.53
CA ARG C 160 0.39 -13.52 16.87
C ARG C 160 -0.69 -14.42 17.45
N THR C 161 -1.48 -15.02 16.57
CA THR C 161 -2.43 -16.06 16.93
C THR C 161 -1.96 -17.38 16.33
N LYS C 162 -2.67 -18.47 16.65
CA LYS C 162 -2.30 -19.80 16.15
C LYS C 162 -2.64 -20.04 14.68
N GLU C 163 -3.28 -19.06 14.05
CA GLU C 163 -3.77 -19.24 12.69
C GLU C 163 -3.44 -18.02 11.82
N LEU C 164 -3.32 -18.25 10.52
CA LEU C 164 -3.09 -17.17 9.55
C LEU C 164 -3.82 -17.45 8.23
N THR C 165 -3.94 -16.40 7.42
CA THR C 165 -4.62 -16.51 6.14
C THR C 165 -3.91 -17.45 5.18
N SER C 166 -4.69 -17.99 4.25
CA SER C 166 -4.15 -18.80 3.16
C SER C 166 -3.12 -18.03 2.34
N GLU C 167 -3.42 -16.76 2.09
CA GLU C 167 -2.51 -15.88 1.34
C GLU C 167 -1.13 -15.80 1.99
N LEU C 168 -1.11 -15.65 3.31
CA LEU C 168 0.14 -15.58 4.06
C LEU C 168 0.84 -16.93 4.09
N LYS C 169 0.07 -17.99 4.35
CA LYS C 169 0.61 -19.35 4.35
C LYS C 169 1.05 -19.76 2.95
CA GLU C 170 1.03 -19.26 0.25
C GLU C 170 2.26 -18.44 -0.09
N ASN C 171 2.34 -17.24 0.48
CA ASN C 171 3.53 -16.40 0.38
C ASN C 171 4.75 -17.10 0.98
N PHE C 172 4.52 -17.83 2.07
CA PHE C 172 5.57 -18.51 2.80
C PHE C 172 6.09 -19.75 2.08
N ILE C 173 5.17 -20.47 1.42
CA ILE C 173 5.53 -21.64 0.62
C ILE C 173 6.35 -21.20 -0.60
N ARG C 174 5.83 -20.22 -1.31
CA ARG C 174 6.49 -19.69 -2.50
C ARG C 174 7.87 -19.10 -2.18
N PHE C 175 8.00 -18.48 -1.01
CA PHE C 175 9.28 -17.92 -0.58
C PHE C 175 10.27 -19.04 -0.25
N SER C 176 9.80 -20.03 0.52
CA SER C 176 10.61 -21.18 0.87
C SER C 176 11.10 -21.91 -0.38
N LYS C 177 10.19 -22.12 -1.33
CA LYS C 177 10.56 -22.74 -2.62
C LYS C 177 11.63 -21.94 -3.35
N SER C 178 11.54 -20.61 -3.29
CA SER C 178 12.51 -19.74 -3.95
C SER C 178 13.92 -19.83 -3.35
N LEU C 179 14.02 -20.33 -2.12
CA LEU C 179 15.32 -20.61 -1.48
C LEU C 179 15.80 -22.05 -1.72
N GLY C 180 15.08 -22.78 -2.57
CA GLY C 180 15.50 -24.12 -3.00
C GLY C 180 14.91 -25.28 -2.20
N LEU C 181 13.88 -25.01 -1.38
CA LEU C 181 13.26 -26.05 -0.58
C LEU C 181 12.04 -26.66 -1.30
N PRO C 182 11.97 -27.99 -1.37
CA PRO C 182 10.80 -28.64 -1.97
C PRO C 182 9.68 -28.77 -0.95
N GLU C 183 8.48 -29.11 -1.41
CA GLU C 183 7.28 -29.15 -0.56
C GLU C 183 7.43 -29.96 0.73
N ASN C 184 8.17 -31.06 0.66
CA ASN C 184 8.31 -31.96 1.83
C ASN C 184 9.25 -31.43 2.92
N HIS C 185 9.94 -30.32 2.63
CA HIS C 185 10.73 -29.61 3.65
C HIS C 185 10.01 -28.37 4.19
N ILE C 186 8.73 -28.23 3.87
CA ILE C 186 7.89 -27.14 4.37
C ILE C 186 6.74 -27.73 5.17
N VAL C 187 6.65 -27.40 6.46
CA VAL C 187 5.58 -27.93 7.31
C VAL C 187 4.78 -26.84 8.02
N PHE C 188 3.55 -27.19 8.37
CA PHE C 188 2.66 -26.28 9.11
C PHE C 188 2.25 -26.93 10.43
N PRO C 189 3.00 -26.65 11.51
CA PRO C 189 2.74 -27.22 12.82
C PRO C 189 1.27 -27.14 13.24
N VAL C 190 0.75 -28.27 13.70
CA VAL C 190 -0.65 -28.35 14.12
C VAL C 190 -0.81 -27.62 15.46
N PRO C 191 -1.77 -26.69 15.54
CA PRO C 191 -2.06 -25.97 16.78
C PRO C 191 -2.35 -26.88 17.96
N ILE C 192 -1.81 -26.53 19.13
CA ILE C 192 -2.09 -27.24 20.37
C ILE C 192 -2.41 -26.23 21.47
N ASP C 193 -2.87 -26.70 22.62
CA ASP C 193 -3.22 -25.82 23.76
C ASP C 193 -2.26 -25.91 24.94
N GLN C 194 -1.50 -27.00 25.02
CA GLN C 194 -0.60 -27.20 26.16
C GLN C 194 0.75 -26.49 25.99
N CYS C 195 1.18 -25.85 27.08
CA CYS C 195 2.47 -25.13 27.17
C CYS C 195 2.51 -23.75 26.49
N ILE C 196 2.07 -23.68 25.24
CA ILE C 196 2.34 -22.51 24.40
C ILE C 196 1.43 -21.30 24.63
N ASP C 197 0.34 -21.48 25.39
CA ASP C 197 -0.54 -20.37 25.76
C ASP C 197 -0.16 -19.75 27.10
N GLY C 198 0.82 -20.34 27.77
CA GLY C 198 1.26 -19.88 29.09
C GLY C 198 2.10 -18.63 29.00
S SO4 D . -3.80 25.86 -8.20
O1 SO4 D . -3.84 25.19 -9.50
O2 SO4 D . -4.52 25.05 -7.22
O3 SO4 D . -2.41 26.04 -7.79
O4 SO4 D . -4.44 27.18 -8.30
FE FE E . 8.71 23.12 7.48
O35 3ET F . 11.02 21.31 2.71
C34 3ET F . 10.72 20.31 2.08
C36 3ET F . 11.79 19.46 1.47
C38 3ET F . 11.56 19.32 -0.03
O39 3ET F . 12.69 18.65 -0.62
N37 3ET F . 13.09 20.06 1.70
O33 3ET F . 9.32 19.95 1.92
C32 3ET F . 8.50 19.74 3.08
C22 3ET F . 7.39 20.78 3.13
N1 3ET F . 6.74 20.72 4.44
C25 3ET F . 7.97 22.14 2.91
O10 3ET F . 8.65 22.65 3.80
O15 3ET F . 7.75 22.87 1.65
C30 3ET F . 7.01 24.08 1.58
C24 3ET F . 7.48 25.09 2.65
C27 3ET F . 7.14 26.51 2.33
O14 3ET F . 6.71 27.26 3.24
O12 3ET F . 7.32 26.91 1.15
N3 3ET F . 6.88 24.67 3.92
C21 3ET F . 5.59 24.48 4.13
O9 3ET F . 4.72 24.62 3.26
C18 3ET F . 5.15 24.06 5.49
C3 3ET F . 6.07 23.66 6.45
O3 3ET F . 7.41 23.62 6.16
C6 3ET F . 5.65 23.28 7.70
O6 3ET F . 6.57 22.89 8.62
C9 3ET F . 4.29 23.31 8.01
C12 3ET F . 3.36 23.70 7.06
C15 3ET F . 3.79 24.08 5.79
C1 2DS G . 9.76 25.31 9.01
N1 2DS G . 10.45 27.60 7.32
O1 2DS G . 9.35 25.19 7.71
C3 2DS G . 10.78 21.57 6.15
N3 2DS G . 12.36 23.75 5.06
O3 2DS G . 10.23 22.82 6.24
C4 2DS G . 9.65 24.19 9.83
O4 2DS G . 9.15 23.04 9.32
C6 2DS G . 10.03 20.47 6.54
O6 2DS G . 8.75 20.65 7.00
C7 2DS G . 10.05 24.26 11.17
O7 2DS G . 10.56 28.84 9.16
C9 2DS G . 10.57 19.19 6.46
O9 2DS G . 14.13 22.37 5.09
C10 2DS G . 10.57 25.45 11.68
O10 2DS G . 10.54 27.87 4.01
C12 2DS G . 11.85 19.00 5.98
O12 2DS G . 15.19 24.67 5.64
C13 2DS G . 10.68 26.57 10.84
O14 2DS G . 15.05 24.57 3.43
C15 2DS G . 12.62 20.11 5.59
O15 2DS G . 12.50 27.30 5.12
C16 2DS G . 10.28 26.51 9.50
C18 2DS G . 12.08 21.39 5.67
C19 2DS G . 10.43 27.74 8.65
C21 2DS G . 12.93 22.56 5.25
C22 2DS G . 10.59 28.60 6.28
C24 2DS G . 13.06 24.97 4.64
C25 2DS G . 11.17 27.93 5.06
C27 2DS G . 14.54 24.74 4.56
C30 2DS G . 12.67 26.00 5.71
FE FE H . -20.24 9.13 -28.95
O17 DBH I . -15.67 12.90 -28.04
C21 DBH I . -16.37 12.11 -27.37
O9 DBH I . -17.15 12.51 -26.48
C18 DBH I . -16.26 10.64 -27.63
C15 DBH I . -15.08 9.97 -27.32
C12 DBH I . -14.97 8.60 -27.57
C3 DBH I . -17.34 9.94 -28.19
O3 DBH I . -18.49 10.60 -28.48
C6 DBH I . -17.23 8.58 -28.43
C9 DBH I . -16.05 7.90 -28.12
O6 DBH I . -18.28 7.90 -28.97
S SO4 J . 14.92 -34.23 -0.56
O1 SO4 J . 14.95 -35.66 -0.81
O2 SO4 J . 13.55 -33.73 -0.71
O3 SO4 J . 15.37 -33.97 0.81
O4 SO4 J . 15.80 -33.54 -1.51
FE FE K . 17.65 -23.96 16.68
C1 GOL L . 28.11 -15.48 13.23
O1 GOL L . 28.67 -14.57 12.29
C2 GOL L . 28.35 -14.97 14.66
O2 GOL L . 29.72 -14.81 14.88
C3 GOL L . 27.79 -15.99 15.66
O3 GOL L . 26.54 -15.58 16.19
C1 GOL M . 16.57 -5.87 31.61
O1 GOL M . 15.99 -4.93 30.74
C2 GOL M . 17.77 -6.51 30.94
O2 GOL M . 18.06 -7.74 31.56
C3 GOL M . 18.99 -5.58 30.99
O3 GOL M . 19.63 -5.45 29.73
C1 MCJ N . 19.88 -24.17 17.93
N1 MCJ N . 20.16 -26.99 18.02
O1 MCJ N . 18.96 -24.87 17.24
C3 MCJ N . 17.96 -24.39 13.78
N3 MCJ N . 17.67 -27.13 13.64
O3 MCJ N . 17.65 -25.03 14.94
C4 MCJ N . 19.67 -22.72 18.17
O4 MCJ N . 18.64 -22.17 17.72
C6 MCJ N . 18.33 -22.98 13.81
O6 MCJ N . 18.37 -22.35 15.02
C7 MCJ N . 20.61 -22.00 18.87
O7 MCJ N . 22.39 -26.70 18.28
C9 MCJ N . 18.63 -22.32 12.62
O9 MCJ N . 17.11 -26.99 11.39
C10 MCJ N . 21.75 -22.63 19.35
O10 MCJ N . 18.60 -30.15 17.28
C12 MCJ N . 18.59 -23.01 11.40
O12 MCJ N . 18.03 -30.55 13.86
O12 MCJ N . 17.00 -29.12 11.82
C13 MCJ N . 21.96 -24.00 19.13
O14 MCJ N . 18.63 -29.21 12.27
O14 MCJ N . 16.56 -30.45 13.44
C15 MCJ N . 18.23 -24.36 11.31
O15 MCJ N . 18.02 -28.10 16.32
C16 MCJ N . 21.03 -24.77 18.42
C18 MCJ N . 17.91 -25.08 12.47
C19 MCJ N . 21.25 -26.25 18.22
C21 MCJ N . 17.52 -26.52 12.45
C22 MCJ N . 20.12 -28.44 17.83
C24 MCJ N . 17.56 -28.38 14.07
C24 MCJ N . 17.29 -28.39 13.94
C25 MCJ N . 18.89 -28.96 17.14
C27 MCJ N . 18.11 -29.41 13.39
C27 MCJ N . 16.93 -29.32 13.04
C30 MCJ N . 16.98 -28.56 15.45
C30 MCJ N . 17.13 -28.75 15.41
C32 MCJ N . 20.12 -28.91 19.29
O33 MCJ N . 19.39 -27.94 20.06
C34 MCJ N . 18.48 -28.31 21.13
O35 MCJ N . 18.95 -28.55 22.23
C36 MCJ N . 17.00 -28.39 20.90
N37 MCJ N . 16.46 -27.31 20.06
C38 MCJ N . 16.63 -29.71 20.21
O39 MCJ N . 16.22 -29.48 18.85
C40 MCJ N . 15.35 -26.64 20.39
O41 MCJ N . 14.75 -26.91 21.42
C42 MCJ N . 14.79 -25.53 19.52
C43 MCJ N . 15.52 -25.00 18.34
C44 MCJ N . 14.89 -23.89 17.57
C45 MCJ N . 13.66 -23.39 17.97
C46 MCJ N . 13.02 -23.92 19.09
C47 MCJ N . 13.56 -24.96 19.85
O48 MCJ N . 16.73 -25.49 17.96
O49 MCJ N . 15.52 -23.37 16.48
#